data_8WZC
#
_entry.id   8WZC
#
_cell.length_a   111.197
_cell.length_b   111.197
_cell.length_c   111.197
_cell.angle_alpha   90.000
_cell.angle_beta   90.000
_cell.angle_gamma   90.000
#
_symmetry.space_group_name_H-M   'P 41 3 2'
#
loop_
_entity.id
_entity.type
_entity.pdbx_description
1 polymer 'Protein KHNYN'
2 polymer "RNA (5'-R(P*UP*UP*UP*AP*U)-3')"
3 non-polymer GLYCEROL
4 non-polymer 'MAGNESIUM ION'
5 water water
#
loop_
_entity_poly.entity_id
_entity_poly.type
_entity_poly.pdbx_seq_one_letter_code
_entity_poly.pdbx_strand_id
1 'polypeptide(L)'
;SNADLRHIVIDGSNVAMVHGLQHYFSSRGIAIAVQYFWDRGHRDITVFVPQWAFSKDAKVRESHFLQKLYSLSLLSLTPS
RVMDGKRISSYDDRFMVKLAEETDGIIVSNDQFRDLAEESEKWMAIIRERLLPFTFVGNLFMVPDDPLGRNGPTLDEFLK
KPA
;
A
2 'polyribonucleotide' UUUAU D
#
# COMPACT_ATOMS: atom_id res chain seq x y z
N SER A 1 -12.20 10.57 10.98
CA SER A 1 -12.86 10.21 12.27
C SER A 1 -12.68 11.38 13.23
N ASN A 2 -11.43 11.56 13.70
CA ASN A 2 -11.16 12.58 14.71
C ASN A 2 -10.18 13.61 14.16
N ALA A 3 -9.82 13.48 12.86
CA ALA A 3 -8.85 14.37 12.22
C ALA A 3 -7.44 14.15 12.74
N ASP A 4 -7.21 13.07 13.51
CA ASP A 4 -5.87 12.70 13.93
C ASP A 4 -5.43 11.41 13.23
N LEU A 5 -6.23 10.90 12.27
CA LEU A 5 -5.88 9.68 11.53
C LEU A 5 -4.72 9.92 10.57
N ARG A 6 -3.81 8.94 10.47
CA ARG A 6 -2.67 9.02 9.57
C ARG A 6 -3.11 8.74 8.13
N HIS A 7 -2.34 9.29 7.19
CA HIS A 7 -2.45 8.96 5.78
C HIS A 7 -2.09 7.48 5.59
N ILE A 8 -2.88 6.78 4.79
CA ILE A 8 -2.63 5.37 4.46
C ILE A 8 -2.02 5.24 3.06
N VAL A 9 -0.79 4.78 2.96
CA VAL A 9 -0.11 4.52 1.70
C VAL A 9 -0.19 3.01 1.44
N ILE A 10 -0.79 2.58 0.33
CA ILE A 10 -0.95 1.17 0.01
C ILE A 10 -0.03 0.73 -1.10
N ASP A 11 0.78 -0.31 -0.81
CA ASP A 11 1.56 -1.01 -1.79
C ASP A 11 0.57 -1.85 -2.58
N GLY A 12 0.08 -1.31 -3.69
CA GLY A 12 -0.98 -2.00 -4.41
C GLY A 12 -0.55 -3.33 -5.00
N SER A 13 0.66 -3.39 -5.55
CA SER A 13 1.15 -4.62 -6.17
C SER A 13 1.21 -5.72 -5.14
N ASN A 14 1.73 -5.36 -3.97
CA ASN A 14 1.92 -6.33 -2.89
C ASN A 14 0.57 -6.87 -2.41
N VAL A 15 -0.38 -5.98 -2.17
CA VAL A 15 -1.71 -6.38 -1.78
C VAL A 15 -2.37 -7.23 -2.86
N ALA A 16 -2.29 -6.81 -4.13
CA ALA A 16 -2.98 -7.55 -5.18
C ALA A 16 -2.43 -8.98 -5.29
N MET A 17 -1.10 -9.12 -5.23
CA MET A 17 -0.43 -10.40 -5.35
C MET A 17 -0.75 -11.31 -4.17
N VAL A 18 -0.89 -10.78 -2.96
CA VAL A 18 -1.27 -11.58 -1.82
C VAL A 18 -2.68 -12.09 -1.98
N HIS A 19 -3.59 -11.19 -2.34
CA HIS A 19 -4.96 -11.60 -2.58
C HIS A 19 -5.01 -12.68 -3.67
N GLY A 20 -4.15 -12.57 -4.69
CA GLY A 20 -4.14 -13.50 -5.81
C GLY A 20 -3.28 -14.76 -5.60
N LEU A 21 -2.85 -15.00 -4.35
CA LEU A 21 -2.03 -16.15 -3.98
C LEU A 21 -0.74 -16.25 -4.77
N GLN A 22 -0.12 -15.10 -5.01
CA GLN A 22 1.12 -14.96 -5.72
C GLN A 22 0.99 -15.46 -7.15
N HIS A 23 -0.23 -15.55 -7.67
CA HIS A 23 -0.41 -15.98 -9.02
C HIS A 23 -1.08 -14.88 -9.86
N TYR A 24 -2.22 -14.38 -9.39
CA TYR A 24 -2.93 -13.33 -10.09
C TYR A 24 -2.59 -11.98 -9.46
N PHE A 25 -2.51 -10.93 -10.29
CA PHE A 25 -2.55 -9.55 -9.77
C PHE A 25 -4.01 -9.24 -9.53
N SER A 26 -4.45 -9.46 -8.28
CA SER A 26 -5.88 -9.49 -7.98
C SER A 26 -6.32 -8.10 -7.51
N SER A 27 -6.90 -7.33 -8.43
CA SER A 27 -7.22 -5.94 -8.17
C SER A 27 -8.23 -5.84 -7.02
N ARG A 28 -9.14 -6.83 -6.93
CA ARG A 28 -10.16 -6.84 -5.90
C ARG A 28 -9.55 -6.69 -4.51
N GLY A 29 -8.37 -7.29 -4.31
CA GLY A 29 -7.69 -7.25 -3.01
C GLY A 29 -7.33 -5.83 -2.60
N ILE A 30 -6.96 -5.00 -3.57
CA ILE A 30 -6.65 -3.60 -3.33
C ILE A 30 -7.94 -2.87 -2.92
N ALA A 31 -9.03 -3.07 -3.63
CA ALA A 31 -10.30 -2.42 -3.26
C ALA A 31 -10.76 -2.85 -1.85
N ILE A 32 -10.55 -4.13 -1.48
CA ILE A 32 -10.92 -4.61 -0.16
C ILE A 32 -10.08 -3.91 0.90
N ALA A 33 -8.76 -3.81 0.66
CA ALA A 33 -7.86 -3.15 1.61
C ALA A 33 -8.30 -1.70 1.79
N VAL A 34 -8.63 -1.01 0.70
CA VAL A 34 -9.02 0.40 0.79
C VAL A 34 -10.29 0.51 1.61
N GLN A 35 -11.25 -0.38 1.36
CA GLN A 35 -12.52 -0.32 2.07
C GLN A 35 -12.35 -0.51 3.58
N TYR A 36 -11.36 -1.32 3.97
CA TYR A 36 -11.08 -1.58 5.37
C TYR A 36 -10.77 -0.25 6.07
N PHE A 37 -9.83 0.52 5.51
CA PHE A 37 -9.39 1.78 6.09
C PHE A 37 -10.49 2.83 5.99
N TRP A 38 -11.19 2.86 4.84
CA TRP A 38 -12.29 3.80 4.64
C TRP A 38 -13.34 3.64 5.74
N ASP A 39 -13.67 2.38 6.04
CA ASP A 39 -14.69 2.03 7.01
C ASP A 39 -14.25 2.45 8.40
N ARG A 40 -12.94 2.57 8.66
CA ARG A 40 -12.47 3.08 9.94
C ARG A 40 -12.48 4.62 10.00
N GLY A 41 -12.80 5.31 8.91
CA GLY A 41 -12.86 6.76 8.89
C GLY A 41 -11.69 7.43 8.16
N HIS A 42 -10.77 6.62 7.60
CA HIS A 42 -9.62 7.19 6.90
C HIS A 42 -10.12 7.81 5.60
N ARG A 43 -9.71 9.06 5.32
CA ARG A 43 -10.08 9.72 4.08
C ARG A 43 -8.84 10.16 3.30
N ASP A 44 -7.66 10.06 3.92
CA ASP A 44 -6.40 10.28 3.25
C ASP A 44 -5.76 8.92 2.94
N ILE A 45 -5.95 8.44 1.70
CA ILE A 45 -5.50 7.13 1.27
C ILE A 45 -4.92 7.25 -0.13
N THR A 46 -3.75 6.64 -0.36
CA THR A 46 -3.10 6.59 -1.66
C THR A 46 -2.70 5.15 -1.95
N VAL A 47 -3.17 4.59 -3.07
CA VAL A 47 -2.66 3.34 -3.59
C VAL A 47 -1.68 3.63 -4.72
N PHE A 48 -0.47 3.06 -4.63
CA PHE A 48 0.44 3.00 -5.76
C PHE A 48 0.34 1.67 -6.50
N VAL A 49 0.14 1.76 -7.83
CA VAL A 49 0.38 0.65 -8.73
C VAL A 49 1.20 1.14 -9.91
N PRO A 50 1.90 0.24 -10.61
CA PRO A 50 2.66 0.61 -11.81
C PRO A 50 1.74 0.92 -12.98
N GLN A 51 2.22 1.85 -13.85
CA GLN A 51 1.56 2.25 -15.08
C GLN A 51 1.11 1.03 -15.87
N TRP A 52 1.91 -0.07 -15.89
CA TRP A 52 1.59 -1.24 -16.67
C TRP A 52 0.31 -1.92 -16.21
N ALA A 53 -0.05 -1.77 -14.93
CA ALA A 53 -1.27 -2.39 -14.44
C ALA A 53 -2.55 -1.79 -15.08
N PHE A 54 -2.45 -0.74 -15.94
CA PHE A 54 -3.49 -0.36 -16.91
C PHE A 54 -3.26 -0.72 -18.39
N SER A 55 -2.02 -0.98 -18.78
CA SER A 55 -1.71 -1.53 -20.09
C SER A 55 -2.66 -2.66 -20.51
N LYS A 56 -3.13 -2.59 -21.78
CA LYS A 56 -4.03 -3.58 -22.36
C LYS A 56 -3.30 -4.94 -22.41
N ASP A 57 -1.97 -4.89 -22.53
CA ASP A 57 -1.15 -6.06 -22.79
C ASP A 57 -0.96 -6.90 -21.52
N ALA A 58 -1.12 -6.25 -20.36
CA ALA A 58 -0.79 -6.85 -19.07
C ALA A 58 -1.96 -7.68 -18.52
N LYS A 59 -1.59 -8.79 -17.84
CA LYS A 59 -2.54 -9.69 -17.21
C LYS A 59 -2.80 -9.16 -15.80
N VAL A 60 -3.93 -8.46 -15.64
CA VAL A 60 -4.38 -8.04 -14.33
C VAL A 60 -5.81 -8.54 -14.12
N ARG A 61 -6.10 -9.06 -12.94
CA ARG A 61 -7.41 -9.63 -12.69
C ARG A 61 -8.35 -8.53 -12.19
N GLU A 62 -9.59 -8.55 -12.69
CA GLU A 62 -10.65 -7.63 -12.31
C GLU A 62 -10.15 -6.19 -12.26
N SER A 63 -9.57 -5.72 -13.38
CA SER A 63 -8.95 -4.43 -13.50
C SER A 63 -9.94 -3.28 -13.31
N HIS A 64 -11.23 -3.52 -13.44
CA HIS A 64 -12.22 -2.46 -13.24
C HIS A 64 -12.16 -1.92 -11.80
N PHE A 65 -11.69 -2.71 -10.83
CA PHE A 65 -11.47 -2.15 -9.49
C PHE A 65 -10.45 -1.03 -9.50
N LEU A 66 -9.42 -1.15 -10.33
CA LEU A 66 -8.43 -0.11 -10.42
C LEU A 66 -9.06 1.16 -10.98
N GLN A 67 -9.89 1.00 -12.00
CA GLN A 67 -10.59 2.14 -12.58
C GLN A 67 -11.46 2.84 -11.55
N LYS A 68 -12.19 2.07 -10.74
CA LYS A 68 -13.01 2.64 -9.67
C LYS A 68 -12.15 3.44 -8.71
N LEU A 69 -11.03 2.88 -8.26
CA LEU A 69 -10.15 3.58 -7.33
C LEU A 69 -9.51 4.82 -7.97
N TYR A 70 -9.12 4.75 -9.26
CA TYR A 70 -8.58 5.89 -9.96
C TYR A 70 -9.56 7.07 -9.93
N SER A 71 -10.81 6.78 -10.32
CA SER A 71 -11.89 7.76 -10.37
C SER A 71 -12.27 8.30 -8.99
N LEU A 72 -12.00 7.56 -7.92
CA LEU A 72 -12.19 8.10 -6.60
C LEU A 72 -10.98 8.88 -6.10
N SER A 73 -9.97 9.18 -6.91
CA SER A 73 -8.80 9.92 -6.49
C SER A 73 -8.00 9.17 -5.43
N LEU A 74 -7.99 7.82 -5.52
CA LEU A 74 -7.27 7.02 -4.54
C LEU A 74 -6.06 6.31 -5.13
N LEU A 75 -5.83 6.45 -6.45
CA LEU A 75 -4.82 5.67 -7.15
C LEU A 75 -3.84 6.56 -7.91
N SER A 76 -2.56 6.30 -7.68
CA SER A 76 -1.44 6.91 -8.38
C SER A 76 -0.56 5.86 -9.02
N LEU A 77 -0.01 6.21 -10.20
CA LEU A 77 0.67 5.24 -11.05
C LEU A 77 2.15 5.53 -11.08
N THR A 78 2.98 4.52 -10.81
CA THR A 78 4.41 4.69 -10.81
C THR A 78 4.90 4.35 -12.20
N PRO A 79 5.93 5.05 -12.72
CA PRO A 79 6.31 4.89 -14.12
C PRO A 79 6.80 3.48 -14.50
N SER A 80 6.41 3.07 -15.70
CA SER A 80 6.98 1.88 -16.31
C SER A 80 6.87 2.01 -17.82
N ARG A 81 7.82 1.42 -18.55
CA ARG A 81 7.72 1.47 -20.00
C ARG A 81 8.46 0.27 -20.59
N VAL A 82 8.08 -0.12 -21.81
CA VAL A 82 8.71 -1.24 -22.50
C VAL A 82 9.61 -0.68 -23.60
N MET A 83 10.92 -0.86 -23.48
CA MET A 83 11.85 -0.44 -24.51
C MET A 83 12.59 -1.66 -25.05
N ASP A 84 12.55 -1.86 -26.37
CA ASP A 84 13.08 -3.07 -26.99
C ASP A 84 12.56 -4.28 -26.24
N GLY A 85 11.23 -4.44 -26.22
CA GLY A 85 10.60 -5.57 -25.57
C GLY A 85 11.12 -5.85 -24.16
N LYS A 86 11.78 -4.86 -23.54
CA LYS A 86 12.26 -4.97 -22.16
C LYS A 86 11.50 -3.95 -21.30
N ARG A 87 10.72 -4.43 -20.34
CA ARG A 87 10.00 -3.57 -19.42
C ARG A 87 11.00 -2.97 -18.44
N ILE A 88 11.03 -1.62 -18.36
CA ILE A 88 11.75 -0.91 -17.32
C ILE A 88 10.74 -0.15 -16.45
N SER A 89 10.86 -0.38 -15.14
CA SER A 89 10.03 0.25 -14.13
C SER A 89 10.90 1.06 -13.17
N SER A 90 10.41 2.25 -12.82
CA SER A 90 10.92 2.95 -11.65
C SER A 90 10.53 2.16 -10.41
N TYR A 91 11.44 2.12 -9.45
CA TYR A 91 11.24 1.29 -8.27
C TYR A 91 10.14 1.90 -7.42
N ASP A 92 9.01 1.20 -7.32
CA ASP A 92 7.81 1.80 -6.74
C ASP A 92 7.96 2.00 -5.23
N ASP A 93 8.81 1.19 -4.60
CA ASP A 93 8.98 1.27 -3.15
C ASP A 93 9.44 2.66 -2.69
N ARG A 94 10.23 3.33 -3.54
CA ARG A 94 10.75 4.65 -3.20
C ARG A 94 9.61 5.68 -3.10
N PHE A 95 8.62 5.54 -3.97
CA PHE A 95 7.48 6.46 -3.94
C PHE A 95 6.69 6.28 -2.64
N MET A 96 6.55 5.03 -2.21
CA MET A 96 5.77 4.75 -1.02
C MET A 96 6.45 5.37 0.21
N VAL A 97 7.76 5.16 0.35
CA VAL A 97 8.46 5.67 1.53
C VAL A 97 8.47 7.21 1.49
N LYS A 98 8.71 7.77 0.30
CA LYS A 98 8.71 9.22 0.15
C LYS A 98 7.36 9.78 0.56
N LEU A 99 6.27 9.17 0.07
CA LEU A 99 4.96 9.70 0.42
C LEU A 99 4.73 9.56 1.92
N ALA A 100 5.19 8.43 2.50
CA ALA A 100 5.00 8.25 3.92
C ALA A 100 5.75 9.34 4.70
N GLU A 101 6.94 9.67 4.25
CA GLU A 101 7.71 10.78 4.82
C GLU A 101 6.94 12.11 4.70
N GLU A 102 6.50 12.49 3.49
CA GLU A 102 5.75 13.72 3.28
C GLU A 102 4.50 13.84 4.17
N THR A 103 3.79 12.73 4.46
CA THR A 103 2.46 12.78 5.05
C THR A 103 2.44 12.36 6.52
N ASP A 104 3.54 11.88 7.08
CA ASP A 104 3.50 11.19 8.37
C ASP A 104 2.54 9.99 8.35
N GLY A 105 2.50 9.31 7.19
CA GLY A 105 1.57 8.20 7.03
C GLY A 105 2.20 6.84 7.31
N ILE A 106 1.39 5.80 7.14
CA ILE A 106 1.85 4.42 7.27
C ILE A 106 1.78 3.74 5.91
N ILE A 107 2.57 2.68 5.73
CA ILE A 107 2.64 1.90 4.50
C ILE A 107 2.03 0.52 4.78
N VAL A 108 1.02 0.17 3.97
CA VAL A 108 0.40 -1.16 4.01
C VAL A 108 1.10 -2.03 3.01
N SER A 109 1.88 -2.99 3.51
CA SER A 109 2.71 -3.86 2.69
C SER A 109 3.24 -4.99 3.57
N ASN A 110 3.41 -6.17 2.97
CA ASN A 110 4.21 -7.22 3.59
C ASN A 110 5.67 -7.20 3.14
N ASP A 111 6.04 -6.29 2.24
CA ASP A 111 7.44 -6.00 1.96
C ASP A 111 8.05 -5.39 3.21
N GLN A 112 9.34 -5.65 3.40
CA GLN A 112 10.07 -5.25 4.59
C GLN A 112 10.89 -3.97 4.33
N PHE A 113 11.16 -3.66 3.04
CA PHE A 113 11.85 -2.44 2.63
C PHE A 113 13.26 -2.39 3.24
N ARG A 114 13.93 -3.54 3.29
CA ARG A 114 15.24 -3.62 3.94
C ARG A 114 16.21 -2.68 3.22
N ASP A 115 16.18 -2.72 1.88
CA ASP A 115 17.10 -1.96 1.03
C ASP A 115 16.95 -0.45 1.23
N LEU A 116 15.74 0.05 1.49
CA LEU A 116 15.51 1.49 1.58
C LEU A 116 15.72 2.01 3.00
N ALA A 117 15.52 1.15 4.00
CA ALA A 117 15.82 1.52 5.38
C ALA A 117 17.28 1.91 5.55
N GLU A 118 18.16 1.34 4.71
CA GLU A 118 19.60 1.49 4.85
C GLU A 118 20.06 2.85 4.35
N GLU A 119 19.11 3.72 3.96
CA GLU A 119 19.43 4.86 3.12
C GLU A 119 19.35 6.18 3.88
N SER A 120 18.68 6.19 5.03
CA SER A 120 18.69 7.37 5.87
C SER A 120 17.99 7.07 7.20
N GLU A 121 18.19 7.97 8.16
CA GLU A 121 17.65 7.81 9.49
C GLU A 121 16.16 8.09 9.45
N LYS A 122 15.78 9.06 8.63
CA LYS A 122 14.37 9.36 8.46
C LYS A 122 13.65 8.10 7.96
N TRP A 123 14.25 7.42 6.97
CA TRP A 123 13.63 6.33 6.22
C TRP A 123 13.70 5.04 7.01
N MET A 124 14.88 4.78 7.57
CA MET A 124 15.12 3.70 8.53
C MET A 124 14.02 3.73 9.58
N ALA A 125 13.74 4.92 10.13
CA ALA A 125 12.72 5.09 11.15
C ALA A 125 11.30 4.85 10.63
N ILE A 126 10.98 5.31 9.42
CA ILE A 126 9.65 5.07 8.86
C ILE A 126 9.44 3.55 8.80
N ILE A 127 10.46 2.86 8.32
CA ILE A 127 10.35 1.44 8.09
C ILE A 127 10.24 0.69 9.43
N ARG A 128 10.81 1.23 10.50
CA ARG A 128 10.76 0.57 11.79
C ARG A 128 9.39 0.78 12.44
N GLU A 129 8.75 1.95 12.24
CA GLU A 129 7.59 2.26 13.04
C GLU A 129 6.29 2.44 12.24
N ARG A 130 6.34 2.49 10.88
CA ARG A 130 5.16 2.92 10.12
C ARG A 130 4.69 1.86 9.10
N LEU A 131 5.20 0.63 9.19
CA LEU A 131 4.90 -0.45 8.25
C LEU A 131 3.80 -1.33 8.82
N LEU A 132 2.74 -1.56 8.03
CA LEU A 132 1.57 -2.31 8.47
C LEU A 132 1.37 -3.53 7.58
N PRO A 133 1.74 -4.73 8.09
CA PRO A 133 1.52 -5.98 7.34
C PRO A 133 0.08 -6.46 7.48
N PHE A 134 -0.30 -7.46 6.64
CA PHE A 134 -1.67 -7.85 6.53
C PHE A 134 -1.74 -9.29 6.02
N THR A 135 -2.95 -9.85 6.19
CA THR A 135 -3.35 -11.19 5.85
C THR A 135 -4.62 -11.13 5.02
N PHE A 136 -4.81 -12.06 4.09
CA PHE A 136 -6.13 -12.28 3.56
C PHE A 136 -6.60 -13.67 3.92
N VAL A 137 -7.87 -13.79 4.17
CA VAL A 137 -8.57 -15.06 4.13
C VAL A 137 -9.66 -14.98 3.08
N GLY A 138 -9.37 -15.46 1.87
CA GLY A 138 -10.29 -15.22 0.76
C GLY A 138 -10.42 -13.72 0.55
N ASN A 139 -11.64 -13.19 0.71
CA ASN A 139 -11.90 -11.76 0.53
C ASN A 139 -11.90 -11.00 1.85
N LEU A 140 -11.46 -11.62 2.97
CA LEU A 140 -11.41 -10.94 4.25
C LEU A 140 -10.00 -10.45 4.50
N PHE A 141 -9.87 -9.12 4.62
CA PHE A 141 -8.61 -8.47 4.82
C PHE A 141 -8.44 -8.35 6.33
N MET A 142 -7.32 -8.84 6.85
CA MET A 142 -7.14 -8.90 8.30
C MET A 142 -5.81 -8.22 8.63
N VAL A 143 -5.84 -7.27 9.57
CA VAL A 143 -4.65 -6.57 9.95
C VAL A 143 -4.42 -6.80 11.43
N PRO A 144 -3.16 -6.91 11.88
CA PRO A 144 -2.95 -7.24 13.30
C PRO A 144 -3.31 -6.13 14.28
N ASP A 145 -3.95 -6.48 15.39
CA ASP A 145 -4.13 -5.57 16.51
C ASP A 145 -2.80 -5.09 17.10
N ASP A 146 -1.72 -5.82 16.81
CA ASP A 146 -0.38 -5.62 17.37
C ASP A 146 0.63 -5.48 16.23
N PRO A 147 0.59 -4.40 15.43
CA PRO A 147 1.41 -4.32 14.20
C PRO A 147 2.92 -4.39 14.39
N LEU A 148 3.35 -4.00 15.61
CA LEU A 148 4.77 -4.04 15.95
C LEU A 148 5.04 -5.08 17.03
N GLY A 149 4.10 -6.00 17.27
CA GLY A 149 4.30 -7.06 18.24
C GLY A 149 3.83 -6.64 19.63
N ARG A 150 4.10 -7.52 20.61
CA ARG A 150 3.37 -7.54 21.87
C ARG A 150 3.62 -6.31 22.74
N ASN A 151 4.82 -5.72 22.65
CA ASN A 151 5.11 -4.52 23.42
C ASN A 151 4.95 -3.24 22.59
N GLY A 152 4.66 -3.37 21.29
CA GLY A 152 4.48 -2.21 20.42
C GLY A 152 3.10 -1.61 20.65
N PRO A 153 2.70 -0.57 19.89
CA PRO A 153 1.38 0.02 20.08
C PRO A 153 0.24 -0.85 19.57
N THR A 154 -0.96 -0.44 19.92
CA THR A 154 -2.16 -1.07 19.41
C THR A 154 -2.37 -0.53 17.99
N LEU A 155 -3.23 -1.20 17.24
CA LEU A 155 -3.51 -0.79 15.87
C LEU A 155 -4.08 0.64 15.88
N ASP A 156 -5.06 0.87 16.77
CA ASP A 156 -5.74 2.16 16.91
C ASP A 156 -4.74 3.29 17.12
N GLU A 157 -3.76 3.07 18.00
CA GLU A 157 -2.74 4.07 18.29
C GLU A 157 -1.86 4.26 17.05
N PHE A 158 -1.59 3.13 16.40
CA PHE A 158 -0.69 3.05 15.26
C PHE A 158 -1.16 3.92 14.09
N LEU A 159 -2.48 4.00 13.93
CA LEU A 159 -3.13 4.60 12.79
C LEU A 159 -3.52 6.06 13.09
N LYS A 160 -3.11 6.56 14.27
CA LYS A 160 -3.31 7.94 14.69
C LYS A 160 -1.99 8.64 14.95
N LYS A 161 -2.05 9.98 14.82
CA LYS A 161 -1.00 10.86 15.33
C LYS A 161 -1.26 11.08 16.82
N PRO A 162 -0.21 11.22 17.65
CA PRO A 162 -0.39 11.72 19.02
C PRO A 162 -0.95 13.13 18.90
N ALA A 163 -2.19 13.33 19.38
CA ALA A 163 -2.91 14.57 19.19
C ALA A 163 -2.98 15.37 20.50
#